data_9EMT
#
_entry.id   9EMT
#
_cell.length_a   91.129
_cell.length_b   91.129
_cell.length_c   98.487
_cell.angle_alpha   90.000
_cell.angle_beta   90.000
_cell.angle_gamma   120.000
#
_symmetry.space_group_name_H-M   'P 63'
#
loop_
_entity.id
_entity.type
_entity.pdbx_description
1 polymer 'Probable N-acetyltransferase 16'
2 non-polymer '[[(2~{S},3~{S},4~{R},5~{R})-5-(6-aminopurin-9-yl)-4-oxidanyl-3-phosphonooxy-oxolan-2-yl]methoxy-oxidanyl-phosphoryl] [(3~{R})-4-[[3-[2-[2-[3-[[(2~{R})-4-[[[(2~{R},3~{S},4~{R},5~{R})-5-(6-aminopurin-9-yl)-4-oxidanyl-3-phosphonooxy-oxolan-2-yl]methoxy-oxidanyl-phosphoryl]oxy-oxidanyl-phosphoryl]oxy-3,3-dimethyl-2-oxidanyl-butanoyl]amino]propanoylamino]ethyldisulfanyl]ethylamino]-3-oxidanylidene-propyl]amino]-2,2-dimethyl-3-oxidanyl-4-oxidanylidene-butyl] hydrogen phosphate'
3 non-polymer IMIDAZOLE
4 non-polymer GLYCEROL
5 non-polymer 'MALONATE ION'
6 water water
#
_entity_poly.entity_id   1
_entity_poly.type   'polypeptide(L)'
_entity_poly.pdbx_seq_one_letter_code
;MKLESSETRPQEVEAEPRSGSGPEAEAEPLDFVVATEREFEEVLAISGGIYGGLDYLPSRYHSWLRDPDRTVVLAKRNGG
VIALESVNVIDAGETVLVEGLRVAPWERGKGVAGLLQRFCSQLVKRQHPGVKVARLTRDDQLGPRELKKYRLITKQGILL
VRFNASALLAGLGARLAALRTSGTFSPLPTEAVSEAGGDVARLLLSPSVQRDVLPGGTIIQDWQPYRPSESNLRLLAAKG
LEWRVDSRARPRVLTLCTRPFPIPHGGDGTWRYLNIDAFGSDGAQVQSQLLWHLQRQAPRLVGLNVMCQLFLEPQLWSQL
ADFCQVGLGLELVKGYTEQYLLEADIHHHHHH
;
_entity_poly.pdbx_strand_id   A
#
loop_
_chem_comp.id
_chem_comp.type
_chem_comp.name
_chem_comp.formula
5NG non-polymer '[[(2~{S},3~{S},4~{R},5~{R})-5-(6-aminopurin-9-yl)-4-oxidanyl-3-phosphonooxy-oxolan-2-yl]methoxy-oxidanyl-phosphoryl] [(3~{R})-4-[[3-[2-[2-[3-[[(2~{R})-4-[[[(2~{R},3~{S},4~{R},5~{R})-5-(6-aminopurin-9-yl)-4-oxidanyl-3-phosphonooxy-oxolan-2-yl]methoxy-oxidanyl-phosphoryl]oxy-oxidanyl-phosphoryl]oxy-3,3-dimethyl-2-oxidanyl-butanoyl]amino]propanoylamino]ethyldisulfanyl]ethylamino]-3-oxidanylidene-propyl]amino]-2,2-dimethyl-3-oxidanyl-4-oxidanylidene-butyl] hydrogen phosphate' 'C42 H70 N14 O32 P6 S2'
GOL non-polymer GLYCEROL 'C3 H8 O3'
IMD non-polymer IMIDAZOLE 'C3 H5 N2 1'
MLI non-polymer 'MALONATE ION' 'C3 H2 O4 -2'
#
# COMPACT_ATOMS: atom_id res chain seq x y z
N GLU A 24 -20.44 -2.15 34.73
CA GLU A 24 -20.79 -3.56 34.71
C GLU A 24 -19.93 -4.32 33.72
N ALA A 25 -19.37 -5.45 34.16
CA ALA A 25 -18.56 -6.28 33.28
C ALA A 25 -19.43 -6.94 32.22
N GLU A 26 -18.80 -7.29 31.10
CA GLU A 26 -19.52 -7.94 30.02
C GLU A 26 -19.98 -9.34 30.44
N ALA A 27 -21.16 -9.74 29.97
CA ALA A 27 -21.71 -11.03 30.33
C ALA A 27 -20.90 -12.17 29.73
N GLU A 28 -20.34 -11.99 28.54
CA GLU A 28 -19.65 -13.08 27.85
C GLU A 28 -18.20 -12.71 27.58
N PRO A 29 -17.31 -13.70 27.54
CA PRO A 29 -15.89 -13.41 27.37
C PRO A 29 -15.52 -13.18 25.91
N LEU A 30 -14.33 -12.61 25.71
CA LEU A 30 -13.79 -12.50 24.37
C LEU A 30 -13.26 -13.86 23.92
N ASP A 31 -13.40 -14.11 22.62
CA ASP A 31 -12.93 -15.35 22.00
C ASP A 31 -12.18 -14.95 20.74
N PHE A 32 -10.95 -15.42 20.60
CA PHE A 32 -10.12 -15.10 19.45
C PHE A 32 -10.11 -16.31 18.52
N VAL A 33 -10.54 -16.11 17.28
CA VAL A 33 -10.72 -17.20 16.33
C VAL A 33 -10.20 -16.78 14.97
N VAL A 34 -9.84 -17.79 14.17
CA VAL A 34 -9.41 -17.53 12.81
C VAL A 34 -10.64 -17.20 11.95
N ALA A 35 -10.49 -16.19 11.10
CA ALA A 35 -11.60 -15.73 10.27
C ALA A 35 -11.92 -16.75 9.18
N THR A 36 -13.20 -16.80 8.83
CA THR A 36 -13.68 -17.58 7.69
C THR A 36 -14.58 -16.69 6.83
N GLU A 37 -15.00 -17.22 5.69
CA GLU A 37 -15.86 -16.44 4.81
C GLU A 37 -17.20 -16.13 5.46
N ARG A 38 -17.61 -16.93 6.45
CA ARG A 38 -18.89 -16.71 7.10
C ARG A 38 -18.96 -15.34 7.77
N GLU A 39 -17.83 -14.80 8.21
CA GLU A 39 -17.80 -13.53 8.93
C GLU A 39 -17.60 -12.31 8.03
N PHE A 40 -17.56 -12.50 6.71
CA PHE A 40 -17.29 -11.38 5.81
C PHE A 40 -18.25 -10.21 6.06
N GLU A 41 -19.55 -10.46 6.07
CA GLU A 41 -20.49 -9.35 6.21
C GLU A 41 -20.37 -8.69 7.58
N GLU A 42 -20.12 -9.47 8.63
CA GLU A 42 -19.89 -8.88 9.94
C GLU A 42 -18.64 -8.00 9.93
N VAL A 43 -17.59 -8.45 9.24
CA VAL A 43 -16.37 -7.65 9.17
C VAL A 43 -16.64 -6.34 8.44
N LEU A 44 -17.40 -6.39 7.35
CA LEU A 44 -17.75 -5.15 6.68
C LEU A 44 -18.49 -4.21 7.61
N ALA A 45 -19.38 -4.75 8.45
CA ALA A 45 -20.23 -3.92 9.29
C ALA A 45 -19.47 -3.20 10.40
N ILE A 46 -18.26 -3.67 10.75
CA ILE A 46 -17.45 -2.99 11.75
C ILE A 46 -16.45 -2.02 11.12
N SER A 47 -16.43 -1.89 9.80
CA SER A 47 -15.36 -1.22 9.07
C SER A 47 -15.79 0.12 8.47
N GLY A 48 -16.95 0.64 8.83
CA GLY A 48 -17.42 1.89 8.28
C GLY A 48 -16.45 3.04 8.50
N GLY A 49 -16.19 3.81 7.45
CA GLY A 49 -15.37 5.00 7.54
C GLY A 49 -13.88 4.78 7.64
N ILE A 50 -13.41 3.54 7.66
CA ILE A 50 -11.99 3.28 7.88
C ILE A 50 -11.17 3.80 6.71
N TYR A 51 -10.02 4.41 7.02
CA TYR A 51 -9.10 4.95 6.02
C TYR A 51 -9.79 5.94 5.09
N GLY A 52 -10.76 6.68 5.62
CA GLY A 52 -11.38 7.76 4.88
C GLY A 52 -12.06 7.34 3.59
N GLY A 53 -12.59 6.12 3.55
CA GLY A 53 -13.23 5.62 2.36
C GLY A 53 -12.30 4.92 1.39
N LEU A 54 -11.02 4.81 1.72
CA LEU A 54 -10.04 4.15 0.88
C LEU A 54 -9.71 2.75 1.38
N ASP A 55 -10.46 2.25 2.36
CA ASP A 55 -10.19 0.95 2.97
C ASP A 55 -10.13 -0.13 1.90
N TYR A 56 -9.07 -0.95 1.98
CA TYR A 56 -8.88 -2.06 1.06
C TYR A 56 -9.57 -3.35 1.53
N LEU A 57 -9.98 -3.43 2.79
CA LEU A 57 -10.36 -4.74 3.31
C LEU A 57 -11.62 -5.28 2.64
N PRO A 58 -12.62 -4.45 2.33
CA PRO A 58 -13.80 -4.99 1.63
C PRO A 58 -13.44 -5.75 0.36
N SER A 59 -12.46 -5.27 -0.41
CA SER A 59 -12.06 -5.92 -1.65
C SER A 59 -11.05 -7.03 -1.46
N ARG A 60 -10.39 -7.09 -0.30
CA ARG A 60 -9.25 -7.98 -0.10
C ARG A 60 -9.53 -9.16 0.83
N TYR A 61 -10.62 -9.12 1.59
CA TYR A 61 -10.85 -10.12 2.63
C TYR A 61 -10.78 -11.53 2.09
N HIS A 62 -11.45 -11.80 0.95
CA HIS A 62 -11.44 -13.16 0.42
C HIS A 62 -10.03 -13.61 0.06
N SER A 63 -9.25 -12.73 -0.58
N SER A 63 -9.23 -12.72 -0.54
CA SER A 63 -7.86 -13.03 -0.89
CA SER A 63 -7.86 -13.09 -0.90
C SER A 63 -7.08 -13.37 0.37
C SER A 63 -7.00 -13.32 0.34
N TRP A 64 -7.23 -12.54 1.40
CA TRP A 64 -6.49 -12.76 2.64
C TRP A 64 -6.71 -14.17 3.18
N LEU A 65 -7.94 -14.67 3.08
CA LEU A 65 -8.24 -15.99 3.63
C LEU A 65 -7.55 -17.11 2.85
N ARG A 66 -7.11 -16.85 1.63
CA ARG A 66 -6.38 -17.84 0.85
C ARG A 66 -4.87 -17.78 1.04
N ASP A 67 -4.35 -16.75 1.71
CA ASP A 67 -2.90 -16.56 1.80
C ASP A 67 -2.30 -17.55 2.79
N PRO A 68 -1.26 -18.31 2.39
CA PRO A 68 -0.82 -19.44 3.22
C PRO A 68 -0.01 -19.06 4.45
N ASP A 69 0.62 -17.89 4.47
CA ASP A 69 1.44 -17.46 5.59
C ASP A 69 0.73 -16.42 6.43
N ARG A 70 -0.55 -16.19 6.18
CA ARG A 70 -1.34 -15.17 6.85
C ARG A 70 -2.31 -15.85 7.79
N THR A 71 -2.51 -15.22 8.95
CA THR A 71 -3.59 -15.59 9.85
C THR A 71 -4.42 -14.34 10.09
N VAL A 72 -5.70 -14.40 9.76
CA VAL A 72 -6.63 -13.31 9.99
C VAL A 72 -7.39 -13.69 11.25
N VAL A 73 -7.19 -12.92 12.32
CA VAL A 73 -7.76 -13.23 13.63
C VAL A 73 -8.90 -12.29 13.91
N LEU A 74 -10.02 -12.84 14.36
CA LEU A 74 -11.17 -12.06 14.80
C LEU A 74 -11.29 -12.15 16.31
N ALA A 75 -11.63 -11.03 16.93
CA ALA A 75 -12.11 -11.05 18.31
C ALA A 75 -13.63 -11.12 18.25
N LYS A 76 -14.20 -12.10 18.95
CA LYS A 76 -15.64 -12.26 19.04
C LYS A 76 -16.08 -12.14 20.50
N ARG A 77 -17.28 -11.60 20.69
CA ARG A 77 -17.93 -11.59 21.99
C ARG A 77 -19.35 -12.07 21.80
N ASN A 78 -19.74 -13.11 22.53
CA ASN A 78 -21.07 -13.67 22.41
C ASN A 78 -21.39 -14.01 20.96
N GLY A 79 -20.40 -14.52 20.24
CA GLY A 79 -20.57 -14.97 18.88
C GLY A 79 -20.49 -13.90 17.82
N GLY A 80 -20.38 -12.63 18.21
CA GLY A 80 -20.36 -11.53 17.25
C GLY A 80 -18.96 -10.97 17.08
N VAL A 81 -18.60 -10.67 15.84
CA VAL A 81 -17.27 -10.12 15.55
C VAL A 81 -17.20 -8.69 16.03
N ILE A 82 -16.18 -8.37 16.83
CA ILE A 82 -15.94 -7.01 17.27
C ILE A 82 -14.58 -6.46 16.89
N ALA A 83 -13.67 -7.27 16.35
CA ALA A 83 -12.36 -6.77 15.96
C ALA A 83 -11.69 -7.74 15.01
N LEU A 84 -10.69 -7.22 14.28
CA LEU A 84 -9.93 -8.01 13.31
C LEU A 84 -8.49 -7.55 13.29
N GLU A 85 -7.57 -8.50 13.11
CA GLU A 85 -6.16 -8.20 12.85
C GLU A 85 -5.60 -9.29 11.94
N SER A 86 -4.77 -8.88 10.98
CA SER A 86 -4.04 -9.81 10.13
C SER A 86 -2.56 -9.80 10.49
N VAL A 87 -1.97 -10.98 10.57
CA VAL A 87 -0.52 -11.15 10.66
C VAL A 87 -0.07 -12.00 9.48
N ASN A 88 0.95 -11.54 8.77
CA ASN A 88 1.44 -12.25 7.60
C ASN A 88 2.95 -12.38 7.70
N VAL A 89 3.45 -13.60 7.58
CA VAL A 89 4.88 -13.86 7.71
C VAL A 89 5.53 -13.77 6.34
N ILE A 90 6.52 -12.88 6.22
CA ILE A 90 7.22 -12.59 4.98
C ILE A 90 8.73 -12.54 5.24
N ASP A 91 9.50 -12.08 4.26
CA ASP A 91 10.95 -11.97 4.40
C ASP A 91 11.57 -13.30 4.82
N ALA A 92 11.17 -14.36 4.12
CA ALA A 92 11.72 -15.69 4.34
C ALA A 92 11.62 -16.12 5.80
N GLY A 93 10.47 -15.80 6.42
CA GLY A 93 10.16 -16.24 7.75
C GLY A 93 10.62 -15.34 8.87
N GLU A 94 11.28 -14.23 8.57
CA GLU A 94 11.90 -13.40 9.60
C GLU A 94 11.06 -12.21 10.04
N THR A 95 10.01 -11.87 9.30
CA THR A 95 9.22 -10.68 9.57
C THR A 95 7.74 -11.04 9.62
N VAL A 96 7.02 -10.44 10.56
CA VAL A 96 5.56 -10.49 10.54
C VAL A 96 5.04 -9.09 10.24
N LEU A 97 4.20 -8.99 9.21
CA LEU A 97 3.53 -7.75 8.86
C LEU A 97 2.16 -7.73 9.51
N VAL A 98 1.87 -6.66 10.24
CA VAL A 98 0.57 -6.47 10.89
C VAL A 98 -0.27 -5.54 10.02
N GLU A 99 -1.48 -5.98 9.67
CA GLU A 99 -2.37 -5.20 8.83
C GLU A 99 -3.80 -5.30 9.31
N GLY A 100 -4.59 -4.27 9.01
CA GLY A 100 -6.03 -4.34 9.11
C GLY A 100 -6.61 -4.17 10.50
N LEU A 101 -5.79 -3.85 11.49
CA LEU A 101 -6.27 -3.76 12.86
C LEU A 101 -7.46 -2.82 12.94
N ARG A 102 -8.55 -3.31 13.52
CA ARG A 102 -9.77 -2.52 13.61
C ARG A 102 -10.66 -3.12 14.68
N VAL A 103 -11.39 -2.23 15.36
CA VAL A 103 -12.34 -2.59 16.39
C VAL A 103 -13.65 -1.90 16.07
N ALA A 104 -14.77 -2.60 16.25
CA ALA A 104 -16.07 -2.02 15.92
C ALA A 104 -16.22 -0.68 16.66
N PRO A 105 -16.78 0.35 16.01
CA PRO A 105 -16.86 1.66 16.68
C PRO A 105 -17.52 1.62 18.05
N TRP A 106 -18.48 0.72 18.25
CA TRP A 106 -19.20 0.63 19.51
C TRP A 106 -18.48 -0.20 20.56
N GLU A 107 -17.28 -0.69 20.26
CA GLU A 107 -16.50 -1.49 21.22
C GLU A 107 -15.13 -0.87 21.50
N ARG A 108 -14.90 0.38 21.06
CA ARG A 108 -13.59 1.01 21.18
C ARG A 108 -13.41 1.62 22.57
N GLY A 109 -12.14 1.86 22.94
CA GLY A 109 -11.80 2.46 24.20
C GLY A 109 -11.86 1.54 25.39
N LYS A 110 -12.02 0.24 25.17
CA LYS A 110 -12.14 -0.75 26.23
C LYS A 110 -10.93 -1.67 26.31
N GLY A 111 -9.93 -1.47 25.46
CA GLY A 111 -8.77 -2.33 25.44
C GLY A 111 -8.84 -3.49 24.48
N VAL A 112 -9.86 -3.54 23.61
CA VAL A 112 -10.02 -4.69 22.72
C VAL A 112 -8.83 -4.80 21.78
N ALA A 113 -8.46 -3.69 21.14
CA ALA A 113 -7.33 -3.74 20.21
C ALA A 113 -6.06 -4.21 20.90
N GLY A 114 -5.84 -3.75 22.13
CA GLY A 114 -4.66 -4.19 22.86
C GLY A 114 -4.66 -5.69 23.11
N LEU A 115 -5.81 -6.23 23.50
CA LEU A 115 -5.90 -7.66 23.75
C LEU A 115 -5.72 -8.46 22.47
N LEU A 116 -6.29 -7.97 21.37
CA LEU A 116 -6.14 -8.68 20.10
C LEU A 116 -4.68 -8.65 19.64
N GLN A 117 -4.02 -7.51 19.80
CA GLN A 117 -2.63 -7.43 19.40
C GLN A 117 -1.77 -8.41 20.19
N ARG A 118 -2.06 -8.55 21.48
CA ARG A 118 -1.32 -9.49 22.31
C ARG A 118 -1.60 -10.93 21.90
N PHE A 119 -2.87 -11.26 21.59
CA PHE A 119 -3.16 -12.62 21.15
C PHE A 119 -2.41 -12.93 19.87
N CYS A 120 -2.40 -11.99 18.92
CA CYS A 120 -1.75 -12.24 17.64
C CYS A 120 -0.23 -12.36 17.80
N SER A 121 0.37 -11.52 18.64
CA SER A 121 1.82 -11.60 18.81
C SER A 121 2.22 -12.92 19.46
N GLN A 122 1.44 -13.39 20.45
CA GLN A 122 1.74 -14.69 21.04
C GLN A 122 1.52 -15.81 20.03
N LEU A 123 0.51 -15.69 19.18
CA LEU A 123 0.28 -16.71 18.16
C LEU A 123 1.47 -16.79 17.21
N VAL A 124 1.97 -15.63 16.76
CA VAL A 124 3.11 -15.62 15.86
C VAL A 124 4.34 -16.22 16.53
N LYS A 125 4.59 -15.86 17.80
CA LYS A 125 5.77 -16.39 18.48
C LYS A 125 5.65 -17.89 18.68
N ARG A 126 4.44 -18.40 18.89
N ARG A 126 4.45 -18.41 18.89
CA ARG A 126 4.28 -19.83 19.10
CA ARG A 126 4.30 -19.85 19.09
C ARG A 126 4.43 -20.61 17.79
C ARG A 126 4.46 -20.61 17.78
N GLN A 127 3.83 -20.12 16.71
CA GLN A 127 3.80 -20.85 15.46
C GLN A 127 4.96 -20.55 14.52
N HIS A 128 5.59 -19.38 14.65
CA HIS A 128 6.67 -18.96 13.76
C HIS A 128 7.86 -18.48 14.58
N PRO A 129 8.59 -19.41 15.19
CA PRO A 129 9.75 -19.00 16.02
C PRO A 129 10.82 -18.26 15.26
N GLY A 130 10.86 -18.37 13.93
CA GLY A 130 11.86 -17.67 13.15
C GLY A 130 11.61 -16.17 13.01
N VAL A 131 10.40 -15.71 13.34
CA VAL A 131 10.09 -14.29 13.19
C VAL A 131 10.84 -13.48 14.24
N LYS A 132 11.59 -12.49 13.77
CA LYS A 132 12.44 -11.66 14.62
C LYS A 132 11.91 -10.25 14.81
N VAL A 133 11.14 -9.74 13.84
CA VAL A 133 10.63 -8.38 13.89
C VAL A 133 9.19 -8.36 13.39
N ALA A 134 8.46 -7.35 13.84
CA ALA A 134 7.15 -6.99 13.29
C ALA A 134 7.32 -5.70 12.50
N ARG A 135 6.61 -5.60 11.38
CA ARG A 135 6.60 -4.38 10.58
C ARG A 135 5.17 -3.96 10.33
N LEU A 136 5.01 -2.68 10.03
CA LEU A 136 3.71 -2.10 9.68
C LEU A 136 4.00 -0.77 9.00
N THR A 137 3.03 -0.30 8.23
CA THR A 137 3.08 1.05 7.67
C THR A 137 1.85 1.82 8.12
N ARG A 138 2.01 3.14 8.26
CA ARG A 138 0.91 4.01 8.63
C ARG A 138 1.24 5.43 8.22
N ASP A 139 0.23 6.29 8.24
CA ASP A 139 0.42 7.70 7.90
C ASP A 139 0.03 8.65 9.02
N ASP A 140 -0.24 8.14 10.22
CA ASP A 140 -0.50 9.03 11.35
C ASP A 140 0.79 9.70 11.82
N GLN A 141 0.65 10.89 12.39
CA GLN A 141 1.80 11.58 12.95
C GLN A 141 2.43 10.74 14.04
N LEU A 142 3.76 10.60 13.99
CA LEU A 142 4.50 9.84 14.98
C LEU A 142 4.71 10.71 16.22
N GLY A 143 4.23 10.23 17.36
CA GLY A 143 4.41 10.93 18.62
C GLY A 143 5.47 10.26 19.48
N PRO A 144 5.64 10.76 20.70
CA PRO A 144 6.66 10.15 21.58
C PRO A 144 6.47 8.66 21.78
N ARG A 145 5.22 8.20 21.84
CA ARG A 145 4.96 6.79 22.10
C ARG A 145 5.45 5.91 20.95
N GLU A 146 5.22 6.35 19.71
CA GLU A 146 5.68 5.57 18.57
C GLU A 146 7.19 5.50 18.52
N LEU A 147 7.87 6.62 18.78
CA LEU A 147 9.32 6.67 18.65
C LEU A 147 10.00 5.82 19.70
N LYS A 148 9.35 5.57 20.84
CA LYS A 148 9.95 4.73 21.86
C LYS A 148 9.85 3.25 21.51
N LYS A 149 8.83 2.84 20.77
CA LYS A 149 8.54 1.44 20.55
C LYS A 149 8.98 0.92 19.18
N TYR A 150 9.04 1.78 18.17
CA TYR A 150 9.35 1.36 16.82
C TYR A 150 10.58 2.08 16.31
N ARG A 151 11.33 1.40 15.44
CA ARG A 151 12.33 2.03 14.60
C ARG A 151 11.67 2.49 13.31
N LEU A 152 12.07 3.66 12.81
CA LEU A 152 11.61 4.14 11.52
C LEU A 152 12.59 3.64 10.45
N ILE A 153 12.15 2.71 9.61
CA ILE A 153 13.00 2.19 8.56
C ILE A 153 13.14 3.20 7.43
N THR A 154 12.02 3.80 7.02
CA THR A 154 12.03 4.78 5.95
C THR A 154 10.67 5.47 5.95
N LYS A 155 10.57 6.52 5.15
CA LYS A 155 9.30 7.18 4.96
C LYS A 155 9.22 7.70 3.52
N GLN A 156 8.00 7.78 3.02
CA GLN A 156 7.72 8.34 1.71
C GLN A 156 6.66 9.42 1.87
N GLY A 157 6.73 10.43 1.01
CA GLY A 157 5.63 11.36 0.90
C GLY A 157 4.44 10.74 0.18
N ILE A 158 3.25 11.25 0.48
CA ILE A 158 1.99 10.72 -0.05
C ILE A 158 1.30 11.84 -0.83
N LEU A 159 1.00 11.57 -2.10
CA LEU A 159 0.25 12.49 -2.94
C LEU A 159 -1.02 11.78 -3.42
N LEU A 160 -2.18 12.35 -3.08
CA LEU A 160 -3.47 11.75 -3.41
C LEU A 160 -4.24 12.69 -4.31
N VAL A 161 -4.60 12.19 -5.50
CA VAL A 161 -5.41 12.94 -6.46
C VAL A 161 -6.58 12.07 -6.87
N ARG A 162 -7.58 12.71 -7.47
CA ARG A 162 -8.76 12.01 -7.96
C ARG A 162 -9.04 12.44 -9.40
N PHE A 163 -9.62 11.52 -10.15
CA PHE A 163 -10.04 11.82 -11.51
C PHE A 163 -11.09 10.81 -11.96
N ASN A 164 -11.87 11.21 -12.95
CA ASN A 164 -12.77 10.32 -13.68
C ASN A 164 -11.98 9.77 -14.86
N ALA A 165 -11.93 8.44 -14.97
CA ALA A 165 -11.04 7.83 -15.95
C ALA A 165 -11.35 8.28 -17.37
N SER A 166 -12.64 8.26 -17.73
CA SER A 166 -13.03 8.64 -19.08
C SER A 166 -12.68 10.10 -19.37
N ALA A 167 -12.89 10.98 -18.41
CA ALA A 167 -12.57 12.39 -18.60
C ALA A 167 -11.06 12.59 -18.77
N LEU A 168 -10.26 11.90 -17.96
CA LEU A 168 -8.82 11.97 -18.13
C LEU A 168 -8.42 11.56 -19.54
N LEU A 169 -8.92 10.40 -19.99
CA LEU A 169 -8.53 9.89 -21.31
C LEU A 169 -8.95 10.85 -22.41
N ALA A 170 -10.13 11.48 -22.26
CA ALA A 170 -10.65 12.33 -23.32
C ALA A 170 -9.86 13.63 -23.47
N GLY A 171 -9.19 14.08 -22.41
CA GLY A 171 -8.49 15.35 -22.48
C GLY A 171 -6.98 15.24 -22.52
N LEU A 172 -6.45 14.05 -22.28
CA LEU A 172 -4.99 13.93 -22.08
C LEU A 172 -4.23 14.28 -23.35
N GLY A 173 -4.72 13.85 -24.51
CA GLY A 173 -4.04 14.19 -25.75
C GLY A 173 -3.88 15.68 -25.94
N ALA A 174 -4.96 16.43 -25.74
CA ALA A 174 -4.90 17.87 -25.86
C ALA A 174 -4.00 18.48 -24.81
N ARG A 175 -4.10 18.01 -23.57
CA ARG A 175 -3.25 18.50 -22.49
C ARG A 175 -1.78 18.34 -22.84
N LEU A 176 -1.38 17.12 -23.21
CA LEU A 176 0.03 16.87 -23.51
C LEU A 176 0.49 17.65 -24.73
N ALA A 177 -0.40 17.83 -25.73
CA ALA A 177 -0.05 18.62 -26.90
C ALA A 177 0.28 20.06 -26.51
N ALA A 178 -0.58 20.68 -25.70
CA ALA A 178 -0.34 22.05 -25.28
C ALA A 178 0.91 22.15 -24.42
N LEU A 179 1.16 21.15 -23.58
CA LEU A 179 2.35 21.18 -22.73
C LEU A 179 3.62 21.10 -23.57
N ARG A 180 3.59 20.38 -24.68
CA ARG A 180 4.76 20.22 -25.53
C ARG A 180 5.00 21.47 -26.37
N THR A 181 3.95 21.99 -27.01
CA THR A 181 4.11 23.19 -27.82
C THR A 181 4.62 24.36 -26.99
N SER A 182 4.20 24.44 -25.72
CA SER A 182 4.63 25.50 -24.83
C SER A 182 6.05 25.31 -24.32
N GLY A 183 6.64 24.14 -24.52
CA GLY A 183 7.92 23.85 -23.91
C GLY A 183 7.86 23.68 -22.41
N THR A 184 6.66 23.44 -21.86
CA THR A 184 6.51 23.29 -20.42
C THR A 184 6.85 21.87 -19.97
N PHE A 185 6.49 20.87 -20.77
CA PHE A 185 6.76 19.48 -20.39
C PHE A 185 6.57 18.59 -21.62
N SER A 186 7.50 17.64 -21.79
CA SER A 186 7.41 16.62 -22.80
C SER A 186 7.81 15.33 -22.08
N PRO A 187 7.07 14.24 -22.24
CA PRO A 187 7.45 12.99 -21.57
C PRO A 187 8.88 12.60 -21.91
N LEU A 188 9.63 12.21 -20.88
CA LEU A 188 10.98 11.70 -21.06
C LEU A 188 10.94 10.22 -21.38
N PRO A 189 11.93 9.71 -22.12
CA PRO A 189 11.95 8.27 -22.40
C PRO A 189 12.03 7.47 -21.11
N THR A 190 11.30 6.36 -21.10
CA THR A 190 11.33 5.38 -20.02
C THR A 190 11.51 4.01 -20.64
N GLU A 191 11.82 3.04 -19.80
CA GLU A 191 12.17 1.71 -20.28
C GLU A 191 11.28 0.65 -19.65
N ALA A 192 11.02 -0.38 -20.46
CA ALA A 192 10.15 -1.47 -20.06
C ALA A 192 10.81 -2.35 -19.01
N VAL A 193 9.98 -2.89 -18.14
CA VAL A 193 10.40 -3.81 -17.10
C VAL A 193 9.45 -5.00 -17.14
N SER A 194 9.97 -6.17 -17.50
CA SER A 194 9.20 -7.40 -17.58
C SER A 194 9.53 -8.29 -16.40
N GLU A 195 8.50 -8.76 -15.70
CA GLU A 195 8.73 -9.74 -14.65
C GLU A 195 9.15 -11.07 -15.28
N ALA A 196 8.34 -11.56 -16.24
CA ALA A 196 8.64 -12.83 -16.89
C ALA A 196 10.01 -12.82 -17.55
N GLY A 197 10.43 -11.68 -18.08
CA GLY A 197 11.71 -11.56 -18.74
C GLY A 197 12.89 -11.42 -17.83
N GLY A 198 12.67 -11.32 -16.52
CA GLY A 198 13.73 -11.24 -15.55
C GLY A 198 14.20 -9.84 -15.19
N ASP A 199 13.55 -8.80 -15.72
CA ASP A 199 14.03 -7.44 -15.47
C ASP A 199 13.79 -7.04 -14.01
N VAL A 200 12.68 -7.47 -13.43
CA VAL A 200 12.36 -7.09 -12.05
C VAL A 200 13.44 -7.62 -11.11
N ALA A 201 13.83 -8.89 -11.29
CA ALA A 201 14.84 -9.46 -10.40
C ALA A 201 16.19 -8.80 -10.61
N ARG A 202 16.57 -8.52 -11.85
CA ARG A 202 17.85 -7.87 -12.08
C ARG A 202 17.91 -6.50 -11.43
N LEU A 203 16.77 -5.82 -11.33
CA LEU A 203 16.71 -4.53 -10.66
C LEU A 203 16.71 -4.67 -9.14
N LEU A 204 15.75 -5.42 -8.61
CA LEU A 204 15.54 -5.41 -7.16
C LEU A 204 16.59 -6.21 -6.41
N LEU A 205 17.30 -7.13 -7.06
CA LEU A 205 18.36 -7.87 -6.40
C LEU A 205 19.72 -7.21 -6.53
N SER A 206 19.77 -6.03 -7.16
CA SER A 206 21.03 -5.31 -7.30
C SER A 206 21.33 -4.56 -6.01
N PRO A 207 22.49 -4.77 -5.40
CA PRO A 207 22.80 -4.01 -4.17
C PRO A 207 22.82 -2.50 -4.38
N SER A 208 23.23 -2.01 -5.55
CA SER A 208 23.25 -0.57 -5.78
C SER A 208 21.84 -0.01 -5.97
N VAL A 209 20.96 -0.75 -6.63
CA VAL A 209 19.56 -0.33 -6.69
C VAL A 209 18.97 -0.29 -5.28
N GLN A 210 19.26 -1.30 -4.47
CA GLN A 210 18.73 -1.34 -3.11
C GLN A 210 19.22 -0.14 -2.32
N ARG A 211 20.49 0.23 -2.47
CA ARG A 211 21.05 1.33 -1.71
C ARG A 211 20.57 2.68 -2.23
N ASP A 212 20.58 2.86 -3.55
CA ASP A 212 20.44 4.18 -4.15
C ASP A 212 19.05 4.51 -4.62
N VAL A 213 18.19 3.51 -4.82
CA VAL A 213 16.87 3.71 -5.39
C VAL A 213 15.76 3.40 -4.38
N LEU A 214 15.81 2.23 -3.75
CA LEU A 214 14.71 1.81 -2.88
C LEU A 214 14.73 2.60 -1.57
N PRO A 215 13.56 3.01 -1.06
CA PRO A 215 13.53 3.77 0.20
C PRO A 215 13.91 2.88 1.37
N GLY A 216 14.97 3.25 2.06
CA GLY A 216 15.47 2.40 3.13
C GLY A 216 15.80 0.99 2.67
N GLY A 217 16.17 0.82 1.40
CA GLY A 217 16.51 -0.50 0.90
C GLY A 217 15.33 -1.45 0.83
N THR A 218 14.11 -0.92 0.88
CA THR A 218 12.90 -1.72 1.01
C THR A 218 11.96 -1.48 -0.17
N ILE A 219 11.34 -2.56 -0.63
CA ILE A 219 10.22 -2.43 -1.56
C ILE A 219 8.98 -2.13 -0.73
N ILE A 220 8.29 -1.05 -1.06
CA ILE A 220 6.97 -0.78 -0.49
C ILE A 220 5.97 -0.84 -1.63
N GLN A 221 4.98 -1.71 -1.50
CA GLN A 221 4.02 -1.98 -2.56
C GLN A 221 2.63 -1.89 -1.95
N ASP A 222 1.90 -0.82 -2.26
CA ASP A 222 0.56 -0.65 -1.72
C ASP A 222 0.57 -0.88 -0.21
N TRP A 223 1.46 -0.14 0.47
CA TRP A 223 1.62 -0.10 1.92
C TRP A 223 2.28 -1.35 2.49
N GLN A 224 2.63 -2.33 1.64
CA GLN A 224 3.18 -3.59 2.14
C GLN A 224 4.68 -3.63 1.91
N PRO A 225 5.49 -3.73 2.97
CA PRO A 225 6.95 -3.69 2.81
C PRO A 225 7.53 -5.09 2.61
N TYR A 226 8.48 -5.17 1.68
CA TYR A 226 9.19 -6.42 1.42
C TYR A 226 10.69 -6.14 1.36
N ARG A 227 11.47 -6.94 2.07
CA ARG A 227 12.91 -6.94 1.85
C ARG A 227 13.18 -7.43 0.42
N PRO A 228 14.18 -6.86 -0.26
CA PRO A 228 14.41 -7.25 -1.66
C PRO A 228 15.13 -8.57 -1.81
N SER A 229 14.37 -9.66 -1.86
CA SER A 229 14.89 -11.00 -1.91
C SER A 229 14.10 -11.81 -2.93
N GLU A 230 14.70 -12.89 -3.43
CA GLU A 230 13.99 -13.71 -4.41
C GLU A 230 12.70 -14.26 -3.84
N SER A 231 12.71 -14.66 -2.56
CA SER A 231 11.51 -15.19 -1.93
C SER A 231 10.36 -14.18 -2.03
N ASN A 232 10.64 -12.91 -1.71
CA ASN A 232 9.59 -11.90 -1.79
C ASN A 232 9.25 -11.56 -3.23
N LEU A 233 10.22 -11.67 -4.15
CA LEU A 233 9.89 -11.40 -5.55
C LEU A 233 8.87 -12.39 -6.07
N ARG A 234 8.89 -13.63 -5.58
CA ARG A 234 7.86 -14.59 -5.98
C ARG A 234 6.49 -14.11 -5.51
N LEU A 235 6.41 -13.57 -4.30
CA LEU A 235 5.13 -13.05 -3.79
C LEU A 235 4.64 -11.88 -4.63
N LEU A 236 5.56 -10.98 -4.98
CA LEU A 236 5.18 -9.82 -5.80
C LEU A 236 4.75 -10.24 -7.20
N ALA A 237 5.40 -11.27 -7.74
CA ALA A 237 5.10 -11.69 -9.12
C ALA A 237 3.65 -12.14 -9.26
N ALA A 238 3.03 -12.61 -8.19
CA ALA A 238 1.68 -13.14 -8.27
C ALA A 238 0.60 -12.08 -8.23
N LYS A 239 0.95 -10.82 -7.97
CA LYS A 239 -0.04 -9.78 -7.71
C LYS A 239 -0.45 -9.00 -8.95
N GLY A 240 0.15 -9.24 -10.11
CA GLY A 240 -0.24 -8.49 -11.28
C GLY A 240 0.22 -7.05 -11.27
N LEU A 241 1.44 -6.81 -10.79
CA LEU A 241 1.99 -5.48 -10.72
C LEU A 241 2.55 -5.07 -12.08
N GLU A 242 2.60 -3.76 -12.31
CA GLU A 242 3.27 -3.19 -13.47
C GLU A 242 4.43 -2.32 -12.99
N TRP A 243 5.56 -2.45 -13.67
CA TRP A 243 6.77 -1.74 -13.33
C TRP A 243 7.22 -0.88 -14.50
N ARG A 244 7.93 0.19 -14.18
CA ARG A 244 8.57 1.04 -15.18
C ARG A 244 9.86 1.56 -14.57
N VAL A 245 10.83 1.88 -15.42
CA VAL A 245 12.13 2.35 -14.95
C VAL A 245 12.66 3.37 -15.95
N ASP A 246 13.59 4.21 -15.49
CA ASP A 246 14.20 5.17 -16.42
C ASP A 246 15.19 4.47 -17.34
N SER A 247 16.02 3.58 -16.79
CA SER A 247 17.00 2.84 -17.56
C SER A 247 17.26 1.53 -16.83
N ARG A 248 17.12 0.41 -17.55
CA ARG A 248 17.50 -0.88 -16.98
C ARG A 248 19.01 -0.95 -16.73
N ALA A 249 19.81 -0.35 -17.62
CA ALA A 249 21.26 -0.41 -17.47
C ALA A 249 21.79 0.53 -16.39
N ARG A 250 21.14 1.68 -16.21
N ARG A 250 21.11 1.66 -16.18
CA ARG A 250 21.55 2.68 -15.23
CA ARG A 250 21.56 2.67 -15.23
C ARG A 250 20.32 3.14 -14.46
C ARG A 250 20.33 3.14 -14.44
N PRO A 251 19.78 2.27 -13.60
CA PRO A 251 18.51 2.60 -12.95
C PRO A 251 18.65 3.69 -11.89
N ARG A 252 17.74 4.68 -11.94
CA ARG A 252 17.70 5.74 -10.95
C ARG A 252 16.29 5.96 -10.38
N VAL A 253 15.27 5.69 -11.18
CA VAL A 253 13.88 5.83 -10.74
C VAL A 253 13.11 4.62 -11.22
N LEU A 254 12.45 3.93 -10.28
CA LEU A 254 11.69 2.72 -10.52
C LEU A 254 10.30 2.94 -9.95
N THR A 255 9.27 2.68 -10.74
CA THR A 255 7.90 2.86 -10.28
C THR A 255 7.12 1.56 -10.37
N LEU A 256 6.13 1.44 -9.49
CA LEU A 256 5.41 0.19 -9.25
C LEU A 256 3.93 0.51 -9.12
N CYS A 257 3.12 -0.04 -10.02
CA CYS A 257 1.68 0.20 -10.01
C CYS A 257 0.94 -1.07 -9.61
N THR A 258 0.13 -0.96 -8.56
CA THR A 258 -0.72 -2.05 -8.08
C THR A 258 -2.04 -2.01 -8.82
N ARG A 259 -2.54 -3.18 -9.17
N ARG A 259 -2.54 -3.19 -9.17
CA ARG A 259 -3.79 -3.26 -9.92
CA ARG A 259 -3.79 -3.27 -9.92
C ARG A 259 -4.89 -2.57 -9.12
C ARG A 259 -4.89 -2.57 -9.12
N PRO A 260 -5.69 -1.70 -9.73
CA PRO A 260 -6.73 -1.00 -8.96
C PRO A 260 -7.79 -1.95 -8.43
N PHE A 261 -8.39 -1.54 -7.31
CA PHE A 261 -9.43 -2.34 -6.67
C PHE A 261 -10.54 -1.43 -6.13
N PRO A 262 -11.73 -1.97 -5.96
CA PRO A 262 -12.85 -1.15 -5.49
C PRO A 262 -12.66 -0.71 -4.05
N ILE A 263 -13.14 0.50 -3.77
CA ILE A 263 -13.10 1.07 -2.42
C ILE A 263 -14.48 1.63 -2.10
N PRO A 264 -14.81 1.76 -0.81
CA PRO A 264 -16.16 2.21 -0.45
C PRO A 264 -16.46 3.66 -0.78
N HIS A 265 -15.44 4.49 -1.04
CA HIS A 265 -15.66 5.91 -1.23
C HIS A 265 -16.78 6.19 -2.22
N GLY A 266 -17.64 7.14 -1.87
CA GLY A 266 -18.74 7.54 -2.72
C GLY A 266 -20.01 6.73 -2.56
N GLY A 267 -19.91 5.52 -2.02
CA GLY A 267 -21.08 4.71 -1.77
C GLY A 267 -21.82 4.22 -3.00
N ASP A 268 -21.29 4.45 -4.19
CA ASP A 268 -21.99 4.06 -5.42
C ASP A 268 -21.25 2.98 -6.19
N GLY A 269 -20.15 2.45 -5.67
CA GLY A 269 -19.44 1.36 -6.29
C GLY A 269 -18.59 1.72 -7.49
N THR A 270 -18.51 3.00 -7.85
CA THR A 270 -17.79 3.40 -9.04
C THR A 270 -16.33 3.75 -8.78
N TRP A 271 -15.88 3.75 -7.53
CA TRP A 271 -14.56 4.25 -7.19
C TRP A 271 -13.55 3.10 -7.07
N ARG A 272 -12.35 3.36 -7.56
CA ARG A 272 -11.25 2.43 -7.52
C ARG A 272 -10.04 3.14 -6.95
N TYR A 273 -9.17 2.37 -6.28
CA TYR A 273 -7.93 2.87 -5.70
C TYR A 273 -6.78 2.41 -6.56
N LEU A 274 -6.00 3.36 -7.07
CA LEU A 274 -4.84 3.10 -7.92
C LEU A 274 -3.59 3.58 -7.17
N ASN A 275 -2.80 2.62 -6.72
CA ASN A 275 -1.61 2.87 -5.91
C ASN A 275 -0.37 2.80 -6.79
N ILE A 276 0.45 3.85 -6.75
CA ILE A 276 1.72 3.90 -7.46
C ILE A 276 2.81 4.22 -6.47
N ASP A 277 3.78 3.33 -6.33
CA ASP A 277 4.95 3.55 -5.48
C ASP A 277 6.12 3.96 -6.36
N ALA A 278 6.73 5.10 -6.06
CA ALA A 278 7.84 5.63 -6.84
C ALA A 278 9.11 5.61 -6.02
N PHE A 279 10.15 4.97 -6.54
CA PHE A 279 11.42 4.84 -5.84
C PHE A 279 12.50 5.62 -6.59
N GLY A 280 13.15 6.56 -5.90
CA GLY A 280 14.28 7.28 -6.46
C GLY A 280 14.06 8.79 -6.42
N SER A 281 15.11 9.51 -6.85
CA SER A 281 15.25 10.93 -6.56
C SER A 281 15.05 11.88 -7.74
N ASP A 282 14.84 11.37 -8.96
CA ASP A 282 14.72 12.22 -10.15
C ASP A 282 13.25 12.53 -10.38
N GLY A 283 12.83 13.74 -10.03
CA GLY A 283 11.43 14.10 -10.14
C GLY A 283 10.90 14.08 -11.56
N ALA A 284 11.74 14.45 -12.53
CA ALA A 284 11.27 14.43 -13.91
C ALA A 284 10.94 13.03 -14.36
N GLN A 285 11.72 12.05 -13.90
CA GLN A 285 11.43 10.66 -14.23
C GLN A 285 10.18 10.16 -13.50
N VAL A 286 9.97 10.61 -12.26
CA VAL A 286 8.72 10.24 -11.57
C VAL A 286 7.52 10.79 -12.35
N GLN A 287 7.63 12.03 -12.85
CA GLN A 287 6.55 12.61 -13.63
C GLN A 287 6.25 11.77 -14.86
N SER A 288 7.28 11.44 -15.64
CA SER A 288 7.06 10.72 -16.89
C SER A 288 6.59 9.30 -16.63
N GLN A 289 7.08 8.67 -15.56
CA GLN A 289 6.65 7.31 -15.28
C GLN A 289 5.23 7.29 -14.72
N LEU A 290 4.87 8.29 -13.89
CA LEU A 290 3.49 8.42 -13.47
C LEU A 290 2.55 8.50 -14.67
N LEU A 291 2.92 9.35 -15.64
CA LEU A 291 2.10 9.48 -16.85
C LEU A 291 1.97 8.14 -17.56
N TRP A 292 3.08 7.41 -17.68
CA TRP A 292 3.04 6.11 -18.34
C TRP A 292 2.04 5.19 -17.67
N HIS A 293 2.08 5.13 -16.33
CA HIS A 293 1.16 4.25 -15.61
C HIS A 293 -0.28 4.70 -15.79
N LEU A 294 -0.54 6.02 -15.76
CA LEU A 294 -1.90 6.49 -15.97
C LEU A 294 -2.41 6.08 -17.35
N GLN A 295 -1.56 6.18 -18.37
CA GLN A 295 -1.97 5.81 -19.72
C GLN A 295 -2.18 4.31 -19.87
N ARG A 296 -1.46 3.50 -19.06
CA ARG A 296 -1.69 2.06 -19.07
C ARG A 296 -2.98 1.70 -18.35
N GLN A 297 -3.24 2.35 -17.22
CA GLN A 297 -4.30 1.89 -16.32
C GLN A 297 -5.65 2.51 -16.62
N ALA A 298 -5.71 3.78 -17.02
CA ALA A 298 -6.99 4.44 -17.18
C ALA A 298 -7.88 3.78 -18.23
N PRO A 299 -7.37 3.28 -19.36
CA PRO A 299 -8.25 2.62 -20.34
C PRO A 299 -9.02 1.44 -19.77
N ARG A 300 -8.49 0.79 -18.74
CA ARG A 300 -9.16 -0.35 -18.14
C ARG A 300 -10.23 0.07 -17.15
N LEU A 301 -10.35 1.37 -16.88
CA LEU A 301 -11.27 1.88 -15.87
C LEU A 301 -12.35 2.78 -16.46
N VAL A 302 -12.64 2.63 -17.75
CA VAL A 302 -13.67 3.44 -18.38
C VAL A 302 -14.97 3.32 -17.60
N GLY A 303 -15.59 4.46 -17.33
CA GLY A 303 -16.82 4.49 -16.55
C GLY A 303 -16.62 4.51 -15.05
N LEU A 304 -15.38 4.53 -14.57
CA LEU A 304 -15.10 4.49 -13.15
C LEU A 304 -14.36 5.75 -12.73
N ASN A 305 -14.33 5.96 -11.41
CA ASN A 305 -13.64 7.07 -10.79
C ASN A 305 -12.47 6.53 -10.00
N VAL A 306 -11.39 7.32 -9.92
CA VAL A 306 -10.12 6.83 -9.43
C VAL A 306 -9.59 7.74 -8.32
N MET A 307 -9.27 7.13 -7.18
CA MET A 307 -8.40 7.72 -6.17
C MET A 307 -7.00 7.19 -6.47
N CYS A 308 -6.12 8.08 -6.95
CA CYS A 308 -4.77 7.70 -7.33
C CYS A 308 -3.82 8.23 -6.27
N GLN A 309 -3.09 7.33 -5.62
CA GLN A 309 -2.21 7.70 -4.52
C GLN A 309 -0.79 7.32 -4.89
N LEU A 310 0.07 8.33 -4.97
CA LEU A 310 1.46 8.22 -5.36
C LEU A 310 2.33 8.39 -4.13
N PHE A 311 3.26 7.46 -3.92
CA PHE A 311 4.22 7.51 -2.83
C PHE A 311 5.60 7.75 -3.42
N LEU A 312 6.32 8.74 -2.88
CA LEU A 312 7.56 9.18 -3.51
C LEU A 312 8.45 9.84 -2.47
N GLU A 313 9.70 10.07 -2.86
CA GLU A 313 10.66 10.69 -1.95
C GLU A 313 10.14 12.06 -1.53
N PRO A 314 10.21 12.40 -0.25
CA PRO A 314 9.53 13.64 0.21
C PRO A 314 9.91 14.90 -0.55
N GLN A 315 11.18 15.07 -0.92
CA GLN A 315 11.60 16.30 -1.58
C GLN A 315 11.03 16.44 -2.99
N LEU A 316 10.35 15.42 -3.51
CA LEU A 316 9.73 15.47 -4.83
C LEU A 316 8.24 15.79 -4.78
N TRP A 317 7.66 15.87 -3.59
CA TRP A 317 6.20 15.98 -3.48
C TRP A 317 5.68 17.24 -4.16
N SER A 318 6.30 18.39 -3.85
CA SER A 318 5.81 19.65 -4.42
C SER A 318 5.88 19.63 -5.93
N GLN A 319 6.97 19.12 -6.50
CA GLN A 319 7.09 19.04 -7.95
C GLN A 319 5.98 18.19 -8.55
N LEU A 320 5.69 17.04 -7.95
CA LEU A 320 4.68 16.15 -8.50
C LEU A 320 3.27 16.67 -8.24
N ALA A 321 3.05 17.31 -7.10
CA ALA A 321 1.74 17.92 -6.86
C ALA A 321 1.43 18.97 -7.91
N ASP A 322 2.42 19.80 -8.26
CA ASP A 322 2.20 20.80 -9.29
C ASP A 322 2.00 20.14 -10.65
N PHE A 323 2.78 19.09 -10.96
CA PHE A 323 2.61 18.39 -12.22
C PHE A 323 1.20 17.84 -12.35
N CYS A 324 0.70 17.21 -11.28
CA CYS A 324 -0.64 16.63 -11.33
C CYS A 324 -1.71 17.72 -11.44
N GLN A 325 -1.59 18.76 -10.62
CA GLN A 325 -2.64 19.77 -10.55
C GLN A 325 -2.58 20.73 -11.73
N VAL A 326 -1.42 21.34 -11.95
CA VAL A 326 -1.30 22.32 -13.02
C VAL A 326 -1.09 21.64 -14.36
N GLY A 327 -0.18 20.67 -14.42
CA GLY A 327 0.14 20.03 -15.69
C GLY A 327 -0.99 19.17 -16.22
N LEU A 328 -1.54 18.30 -15.38
CA LEU A 328 -2.52 17.32 -15.82
C LEU A 328 -3.94 17.68 -15.42
N GLY A 329 -4.15 18.79 -14.70
CA GLY A 329 -5.48 19.20 -14.34
C GLY A 329 -6.19 18.32 -13.34
N LEU A 330 -5.44 17.52 -12.58
CA LEU A 330 -6.02 16.61 -11.61
C LEU A 330 -6.28 17.31 -10.29
N GLU A 331 -7.28 16.83 -9.57
CA GLU A 331 -7.71 17.44 -8.32
C GLU A 331 -6.95 16.83 -7.16
N LEU A 332 -6.28 17.68 -6.39
CA LEU A 332 -5.60 17.24 -5.17
C LEU A 332 -6.64 17.00 -4.08
N VAL A 333 -6.56 15.84 -3.44
CA VAL A 333 -7.56 15.46 -2.44
C VAL A 333 -7.18 15.97 -1.06
N LYS A 334 -5.89 15.93 -0.72
CA LYS A 334 -5.43 16.32 0.61
C LYS A 334 -4.02 16.89 0.49
N GLY A 335 -3.60 17.58 1.54
CA GLY A 335 -2.27 18.13 1.61
C GLY A 335 -1.22 17.08 1.92
N TYR A 336 0.00 17.55 2.16
CA TYR A 336 1.12 16.66 2.38
C TYR A 336 0.93 15.80 3.62
N THR A 337 1.14 14.49 3.45
CA THR A 337 1.23 13.53 4.55
C THR A 337 2.34 12.55 4.21
N GLU A 338 2.69 11.69 5.16
CA GLU A 338 3.81 10.77 5.01
C GLU A 338 3.42 9.34 5.38
N GLN A 339 4.01 8.40 4.65
CA GLN A 339 3.92 6.98 4.93
C GLN A 339 5.17 6.56 5.67
N TYR A 340 4.99 6.02 6.87
CA TYR A 340 6.09 5.60 7.73
C TYR A 340 6.14 4.08 7.72
N LEU A 341 7.34 3.53 7.51
CA LEU A 341 7.58 2.10 7.66
C LEU A 341 8.22 1.90 9.02
N LEU A 342 7.52 1.20 9.91
CA LEU A 342 7.90 1.03 11.30
C LEU A 342 8.22 -0.43 11.57
N GLU A 343 9.18 -0.65 12.47
CA GLU A 343 9.64 -1.99 12.80
C GLU A 343 9.87 -2.08 14.29
N ALA A 344 9.46 -3.20 14.88
CA ALA A 344 9.66 -3.47 16.29
C ALA A 344 10.18 -4.90 16.47
N ASP A 345 11.00 -5.08 17.50
CA ASP A 345 11.59 -6.38 17.75
C ASP A 345 10.55 -7.26 18.45
N ILE A 346 10.60 -8.56 18.16
CA ILE A 346 9.77 -9.54 18.84
C ILE A 346 10.48 -9.94 20.13
N HIS A 347 9.74 -9.96 21.24
CA HIS A 347 10.31 -10.27 22.54
C HIS A 347 9.56 -11.42 23.19
N HIS A 348 10.25 -12.11 24.11
CA HIS A 348 9.67 -13.21 24.86
C HIS A 348 9.83 -12.99 26.36
C17 5NG B . -7.55 3.52 26.11
C17 5NG B . -7.65 3.33 26.01
C20 5NG B . -5.95 3.88 24.41
C20 5NG B . -6.12 4.06 24.28
C01 5NG B . -7.26 2.28 16.34
C01 5NG B . -7.25 2.17 16.23
C02 5NG B . -8.31 1.29 16.87
C02 5NG B . -8.33 1.24 16.80
C03 5NG B . -8.12 -0.07 16.25
C03 5NG B . -8.20 -0.15 16.20
C04 5NG B . -8.18 1.20 18.41
C04 5NG B . -8.18 1.16 18.33
O05 5NG B . -9.15 0.26 18.91
O05 5NG B . -9.15 0.23 18.85
P06 5NG B . -9.49 0.26 20.54
P06 5NG B . -9.48 0.24 20.49
O07 5NG B . -10.14 -1.03 20.94
O07 5NG B . -10.15 -1.04 20.89
O08 5NG B . -10.35 1.46 20.91
O08 5NG B . -10.33 1.45 20.85
O09 5NG B . -8.04 0.37 21.31
O09 5NG B . -8.04 0.35 21.26
P10 5NG B . -7.76 0.31 22.92
P10 5NG B . -7.75 0.34 22.87
O11 5NG B . -6.98 -0.96 23.20
O11 5NG B . -6.96 -0.90 23.20
O12 5NG B . -9.06 0.35 23.69
O12 5NG B . -9.07 0.36 23.64
O13 5NG B . -6.92 1.63 23.18
O13 5NG B . -6.95 1.68 23.12
C14 5NG B . -7.45 2.88 22.68
C14 5NG B . -7.51 2.90 22.59
O16 5NG B . -8.29 3.50 24.90
O16 5NG B . -8.39 3.38 24.81
C18 5NG B . -6.15 3.06 25.70
C18 5NG B . -6.16 3.33 25.62
O19 5NG B . -5.18 3.41 26.69
O19 5NG B . -5.41 4.07 26.59
O21 5NG B . -5.47 5.21 24.69
O21 5NG B . -5.71 5.43 24.44
P22 5NG B . -4.00 5.53 24.18
P22 5NG B . -4.19 5.73 24.09
O23 5NG B . -3.66 6.97 24.49
O23 5NG B . -3.85 7.14 24.44
O24 5NG B . -3.02 4.62 24.89
O24 5NG B . -3.31 4.77 24.87
O25 5NG B . -3.91 5.30 22.69
O25 5NG B . -3.96 5.50 22.60
N26 5NG B . -8.20 2.70 27.10
N26 5NG B . -7.98 2.13 26.74
C27 5NG B . -9.24 3.10 27.86
C27 5NG B . -7.75 0.84 26.44
N28 5NG B . -9.60 2.10 28.68
N28 5NG B . -8.23 0.06 27.42
C29 5NG B . -8.79 1.06 28.45
C29 5NG B . -8.78 0.85 28.35
C30 5NG B . -8.72 -0.20 29.02
C30 5NG B . -9.43 0.61 29.56
N31 5NG B . -9.56 -0.59 29.98
N31 5NG B . -9.63 -0.62 30.04
N32 5NG B . -7.79 -1.06 28.59
N32 5NG B . -9.88 1.64 30.27
C33 5NG B . -6.95 -0.66 27.62
C33 5NG B . -9.69 2.89 29.80
N34 5NG B . -6.97 0.54 27.05
N34 5NG B . -9.08 3.18 28.67
C35 5NG B . -7.89 1.43 27.46
C35 5NG B . -8.62 2.17 27.92
C36 5NG B . -9.76 1.81 16.55
C36 5NG B . -9.77 1.80 16.50
O37 5NG B . -9.88 3.19 16.87
O37 5NG B . -9.85 3.18 16.84
C38 5NG B . -10.12 1.59 15.06
C38 5NG B . -10.15 1.61 15.02
O39 5NG B . -10.62 0.52 14.74
O39 5NG B . -10.70 0.56 14.68
N40 5NG B . -9.90 2.53 14.15
N40 5NG B . -9.88 2.55 14.11
C41 5NG B . -10.26 2.33 12.73
C41 5NG B . -10.26 2.38 12.69
C42 5NG B . -9.32 1.37 12.00
C42 5NG B . -9.35 1.37 11.97
C43 5NG B . -7.95 1.97 11.82
C43 5NG B . -7.95 1.90 11.81
O44 5NG B . -7.81 3.14 11.57
O44 5NG B . -7.75 3.04 11.53
N45 5NG B . -6.88 1.18 11.92
N45 5NG B . -6.93 1.06 11.96
C46 5NG B . -5.55 1.74 11.74
C46 5NG B . -5.57 1.53 11.78
C47 5NG B . -5.14 2.45 13.04
C47 5NG B . -5.14 2.36 13.01
S48 5NG B . -4.90 1.07 14.29
S48 5NG B . -4.54 1.15 14.33
S49 5NG B . -3.05 0.09 13.76
S49 5NG B . -2.61 1.89 14.99
C50 5NG B . -1.71 1.41 13.99
C50 5NG B . -1.40 1.55 13.56
C51 5NG B . -0.31 0.77 13.76
C51 5NG B . -1.20 0.00 13.33
N52 5NG B . -0.01 -0.20 14.83
N52 5NG B . -0.64 -0.63 14.55
C53 5NG B . -0.31 -1.50 14.75
C53 5NG B . -0.54 -1.95 14.65
O54 5NG B . -0.85 -1.93 13.78
O54 5NG B . -0.90 -2.65 13.77
C55 5NG B . 0.02 -2.45 15.89
C55 5NG B . 0.04 -2.59 15.90
C56 5NG B . 1.39 -3.14 15.59
C56 5NG B . 1.50 -3.10 15.63
N57 5NG B . 2.05 -3.63 16.80
N57 5NG B . 2.14 -3.62 16.84
C58 5NG B . 1.88 -4.87 17.25
C58 5NG B . 1.91 -4.85 17.28
O59 5NG B . 1.17 -5.65 16.68
O59 5NG B . 1.17 -5.58 16.70
C60 5NG B . 2.62 -5.33 18.53
C60 5NG B . 2.61 -5.37 18.57
O61 5NG B . 2.83 -4.23 19.36
O61 5NG B . 2.83 -4.30 19.43
C62 5NG B . 3.97 -5.96 18.17
C62 5NG B . 3.96 -6.03 18.25
C63 5NG B . 3.75 -7.19 17.29
C63 5NG B . 3.74 -7.24 17.35
C64 5NG B . 4.83 -4.93 17.43
C64 5NG B . 4.87 -5.02 17.57
C65 5NG B . 4.70 -6.40 19.45
C65 5NG B . 4.60 -6.52 19.57
O66 5NG B . 3.83 -7.23 20.19
O66 5NG B . 3.64 -7.27 20.27
P67 5NG B . 4.24 -7.58 21.75
P67 5NG B . 3.92 -7.73 21.84
O68 5NG B . 4.62 -9.04 21.91
O68 5NG B . 4.02 -9.23 21.94
O69 5NG B . 3.04 -7.28 22.62
O69 5NG B . 2.78 -7.24 22.69
O70 5NG B . 5.53 -6.62 22.19
O70 5NG B . 5.37 -7.07 22.36
P71 5NG B . 5.77 -5.65 23.51
P71 5NG B . 6.87 -7.78 22.57
O72 5NG B . 4.54 -4.80 23.76
O72 5NG B . 7.91 -6.70 22.81
O73 5NG B . 6.95 -4.74 23.25
O73 5NG B . 7.22 -8.56 21.32
O74 5NG B . 6.08 -6.62 24.84
O74 5NG B . 6.82 -8.81 23.89
C75 5NG B . 5.45 -7.90 24.98
C75 5NG B . 5.89 -8.52 24.95
C76 5NG B . 6.10 -8.69 26.14
C76 5NG B . 6.52 -8.93 26.29
O77 5NG B . 7.53 -8.75 25.93
O77 5NG B . 7.94 -9.17 26.08
C78 5NG B . 8.14 -8.73 27.20
C78 5NG B . 8.59 -8.98 27.32
C79 5NG B . 7.32 -7.74 28.03
C79 5NG B . 7.76 -7.98 28.14
O80 5NG B . 7.44 -8.08 29.46
O80 5NG B . 7.44 -8.60 29.46
C81 5NG B . 5.90 -7.97 27.53
C81 5NG B . 6.48 -7.76 27.34
O82 5NG B . 5.19 -8.84 28.44
O82 5NG B . 5.35 -7.75 28.24
P83 5NG B . 4.21 -8.18 29.51
P83 5NG B . 4.53 -9.04 28.65
O84 5NG B . 5.02 -7.68 30.68
O84 5NG B . 3.87 -9.64 27.43
O85 5NG B . 3.45 -7.03 28.90
O85 5NG B . 5.45 -10.07 29.27
O86 5NG B . 3.23 -9.25 29.98
O86 5NG B . 3.45 -8.65 29.64
N87 5NG B . 9.50 -8.31 27.03
N87 5NG B . 9.91 -8.44 27.06
C88 5NG B . 10.60 -9.02 27.34
C88 5NG B . 11.09 -9.03 27.33
N89 5NG B . 11.69 -8.30 27.03
N89 5NG B . 12.09 -8.22 26.94
C90 5NG B . 11.30 -7.12 26.51
C90 5NG B . 11.55 -7.10 26.43
C91 5NG B . 11.97 -6.02 26.02
C91 5NG B . 12.08 -5.95 25.88
N92 5NG B . 13.30 -5.92 25.97
N92 5NG B . 13.39 -5.71 25.76
N93 5NG B . 11.29 -4.98 25.57
N93 5NG B . 11.28 -4.98 25.45
C94 5NG B . 9.94 -5.04 25.59
C94 5NG B . 9.94 -5.18 25.55
N95 5NG B . 9.24 -6.07 26.04
N95 5NG B . 9.37 -6.26 26.05
C96 5NG B . 9.90 -7.13 26.51
C96 5NG B . 10.16 -7.25 26.50
H151 5NG B . -7.66 4.92 23.53
H151 5NG B . -7.97 4.91 23.50
H171 5NG B . -7.46 4.51 26.53
H171 5NG B . -7.85 4.21 26.60
H201 5NG B . -5.25 3.40 23.75
H201 5NG B . -5.43 3.58 23.59
H011 5NG B . -7.44 2.46 15.29
H011 5NG B . -7.45 2.35 15.17
H012 5NG B . -6.27 1.86 16.48
H012 5NG B . -6.27 1.72 16.35
H013 5NG B . -7.33 3.22 16.90
H013 5NG B . -7.28 3.13 16.77
H031 5NG B . -7.24 -0.51 16.64
H031 5NG B . -7.33 -0.62 16.58
H032 5NG B . -8.02 0.02 15.20
H032 5NG B . -8.13 -0.07 15.15
H033 5NG B . -8.96 -0.68 16.48
H033 5NG B . -9.05 -0.72 16.45
H041 5NG B . -8.35 2.17 18.84
H041 5NG B . -8.33 2.12 18.76
H042 5NG B . -7.19 0.86 18.65
H042 5NG B . -7.18 0.82 18.58
H141 5NG B . -6.84 3.22 21.85
H141 5NG B . -6.87 3.29 21.80
H142 5NG B . -8.46 2.74 22.36
H142 5NG B . -8.50 2.73 22.20
H181 5NG B . -6.08 2.00 25.55
H181 5NG B . -5.79 2.32 25.54
H191 5NG B . -5.61 3.69 27.47
H191 5NG B . -5.70 4.97 26.59
H271 5NG B . -9.71 4.07 27.80
H271 5NG B . -7.25 0.48 25.55
H311 5NG B . -10.47 -0.95 29.74
H311 5NG B . -9.91 -1.37 29.43
H312 5NG B . -9.28 -0.54 30.95
H312 5NG B . -9.49 -0.81 31.02
H331 5NG B . -6.19 -1.36 27.28
H331 5NG B . -10.06 3.73 30.40
H361 5NG B . -10.45 1.23 17.15
H361 5NG B . -10.47 1.23 17.10
H371 5NG B . -10.68 3.54 16.49
H371 5NG B . -10.66 3.53 16.51
H401 5NG B . -9.46 3.40 14.44
H401 5NG B . -9.40 3.39 14.41
H411 5NG B . -10.23 3.29 12.22
H411 5NG B . -10.18 3.33 12.19
H412 5NG B . -11.27 1.93 12.69
H412 5NG B . -11.28 2.02 12.65
H421 5NG B . -9.23 0.45 12.58
H421 5NG B . -9.32 0.45 12.54
H422 5NG B . -9.73 1.14 11.02
H422 5NG B . -9.78 1.18 10.98
H451 5NG B . -6.99 0.21 12.13
H451 5NG B . -7.11 0.10 12.20
H461 5NG B . -5.57 2.46 10.92
H461 5NG B . -5.51 2.15 10.90
H462 5NG B . -4.85 0.96 11.51
H462 5NG B . -4.91 0.68 11.67
H471 5NG B . -5.94 3.13 13.37
H471 5NG B . -5.99 2.92 13.40
H472 5NG B . -4.22 3.02 12.90
H472 5NG B . -4.33 3.04 12.75
H501 5NG B . -1.78 1.81 15.02
H501 5NG B . -0.43 2.01 13.80
H502 5NG B . -1.88 2.22 13.28
H502 5NG B . -1.79 2.01 12.64
H511 5NG B . -0.29 0.26 12.80
H511 5NG B . -2.17 -0.45 13.10
H512 5NG B . 0.46 1.55 13.76
H512 5NG B . -0.53 -0.15 12.50
H521 5NG B . 0.43 0.12 15.68
H521 5NG B . -0.33 -0.05 15.31
H551 5NG B . 0.08 -1.89 16.80
H551 5NG B . 0.07 -1.87 16.70
H552 5NG B . -0.75 -3.19 15.96
H552 5NG B . -0.57 -3.43 16.19
H561 5NG B . 1.22 -3.98 14.93
H561 5NG B . 1.46 -3.89 14.88
H562 5NG B . 2.05 -2.42 15.11
H562 5NG B . 2.10 -2.27 15.25
H571 5NG B . 2.65 -3.01 17.32
H571 5NG B . 2.77 -3.03 17.36
H601 5NG B . 2.01 -6.07 19.05
H601 5NG B . 1.96 -6.10 19.04
H611 5NG B . 2.02 -3.81 19.54
H611 5NG B . 2.01 -3.84 19.58
H631 5NG B . 3.65 -6.89 16.25
H631 5NG B . 3.68 -6.92 16.31
H632 5NG B . 4.61 -7.86 17.39
H632 5NG B . 4.57 -7.93 17.46
H633 5NG B . 2.85 -7.71 17.61
H633 5NG B . 2.81 -7.73 17.62
H641 5NG B . 4.76 -3.98 17.94
H641 5NG B . 4.83 -4.07 18.11
H642 5NG B . 4.46 -4.82 16.41
H642 5NG B . 4.55 -4.87 16.54
H643 5NG B . 5.86 -5.27 17.40
H643 5NG B . 5.89 -5.40 17.57
H651 5NG B . 4.95 -5.53 20.04
H651 5NG B . 4.90 -5.66 20.17
H652 5NG B . 5.60 -6.95 19.20
H652 5NG B . 5.46 -7.13 19.35
H751 5NG B . 5.56 -8.46 24.06
H751 5NG B . 4.98 -9.09 24.79
H752 5NG B . 4.39 -7.75 25.18
H752 5NG B . 5.66 -7.47 24.96
H761 5NG B . 5.65 -9.67 26.20
H761 5NG B . 6.01 -9.80 26.71
H781 5NG B . 8.10 -9.68 27.71
H781 5NG B . 8.64 -9.91 27.87
H791 5NG B . 7.62 -6.71 27.88
H791 5NG B . 8.29 -7.04 28.27
H801 5NG B . 8.27 -8.51 29.62
H801 5NG B . 8.24 -8.86 29.88
H811 5NG B . 5.38 -7.03 27.41
H811 5NG B . 6.45 -6.84 26.77
H881 5NG B . 10.60 -10.00 27.77
H881 5NG B . 11.21 -10.00 27.78
C15 5NG B . -7.39 3.92 23.84
H921 5NG B . 13.77 -5.21 26.52
C15 5NG B . -7.57 3.94 23.76
H921 5NG B . 13.81 -4.93 26.24
H922 5NG B . 13.84 -6.54 25.40
H922 5NG B . 13.97 -6.31 25.19
H941 5NG B . 9.39 -4.19 25.21
H941 5NG B . 9.29 -4.40 25.19
N1 IMD C . -3.05 2.86 5.61
C2 IMD C . -2.48 1.65 5.78
N3 IMD C . -2.88 0.84 4.77
C4 IMD C . -3.71 1.55 3.97
C5 IMD C . -3.81 2.82 4.51
HN1 IMD C . -2.93 3.64 6.20
H2 IMD C . -1.88 1.39 6.51
HN3 IMD C . -2.62 -0.10 4.65
H4 IMD C . -4.15 1.22 3.16
H5 IMD C . -4.35 3.56 4.14
C1 GOL D . -4.99 -1.37 -21.96
O1 GOL D . -4.26 -2.55 -21.77
C2 GOL D . -4.06 -0.21 -21.56
O2 GOL D . -2.93 -0.64 -20.89
C3 GOL D . -3.73 0.52 -22.88
O3 GOL D . -2.67 1.39 -22.60
H11 GOL D . -5.27 -1.25 -22.88
H12 GOL D . -5.80 -1.34 -21.42
HO1 GOL D . -4.81 -3.13 -21.48
H2 GOL D . -4.52 0.39 -20.94
HO2 GOL D . -2.96 -0.35 -20.09
H31 GOL D . -4.52 0.98 -23.19
H32 GOL D . -3.52 -0.14 -23.55
HO3 GOL D . -2.01 0.91 -22.37
C1 MLI E . 13.26 -1.15 19.87
C2 MLI E . 13.12 0.38 19.81
C3 MLI E . 12.23 -1.82 18.95
O6 MLI E . 12.54 0.96 20.75
O7 MLI E . 13.60 0.93 18.81
O8 MLI E . 11.90 -1.16 17.95
O9 MLI E . 11.80 -2.95 19.24
H11 MLI E . 13.12 -1.49 20.78
H12 MLI E . 14.15 -1.43 19.59
C1 GOL F . -9.06 16.42 -17.61
O1 GOL F . -9.86 15.77 -18.54
C2 GOL F . -8.73 15.40 -16.50
O2 GOL F . -7.37 15.23 -16.33
C3 GOL F . -9.40 15.97 -15.22
O3 GOL F . -9.12 15.07 -14.20
H11 GOL F . -9.49 17.19 -17.22
H12 GOL F . -8.22 16.74 -17.99
HO1 GOL F . -10.50 15.42 -18.10
H2 GOL F . -9.09 14.53 -16.71
HO2 GOL F . -7.12 15.71 -15.67
H31 GOL F . -10.34 16.09 -15.40
H32 GOL F . -9.05 16.86 -15.06
HO3 GOL F . -8.63 14.46 -14.53
C1 GOL G . 6.00 19.43 2.34
O1 GOL G . 4.98 20.06 1.62
C2 GOL G . 6.77 18.56 1.34
O2 GOL G . 6.62 19.01 0.03
C3 GOL G . 8.25 18.62 1.79
O3 GOL G . 8.37 17.78 2.91
H11 GOL G . 5.65 18.87 3.06
H12 GOL G . 6.60 20.06 2.75
HO1 GOL G . 4.53 19.44 1.25
H2 GOL G . 6.44 17.65 1.36
HO2 GOL G . 6.13 19.71 0.06
H31 GOL G . 8.49 19.54 1.97
H32 GOL G . 8.82 18.35 1.05
HO3 GOL G . 8.00 17.04 2.70
#